data_4CE3
#
_entry.id   4CE3
#
_cell.length_a   74.180
_cell.length_b   74.180
_cell.length_c   110.490
_cell.angle_alpha   90.00
_cell.angle_beta   90.00
_cell.angle_gamma   90.00
#
_symmetry.space_group_name_H-M   'P 43 2 2'
#
loop_
_entity.id
_entity.type
_entity.pdbx_description
1 polymer 'ATP-DEPENDENT MOLECULAR CHAPERONE HSP82'
2 non-polymer 13-Chloro-14,16-dihydroxy-2-methyl-2,3,4,5,9,10-hexahydrobenz[c][1]azacyclotetradecine-1,11(8H,12H)-dione
3 water water
#
_entity_poly.entity_id   1
_entity_poly.type   'polypeptide(L)'
_entity_poly.pdbx_seq_one_letter_code
;MASETFEFQAEITQLMSLIINTVYSNKEIFLRELISNASDALDKIRYKSLSDPKQLETEPDLFIRITPKPEQKVLEIRDS
GIGMTKAELINNLGTIAKSGTKAFMEALSAGADVSMIGQFGVGFYSLFLVADRVQVISKSNDDEQYIWESNAGGSFTVTL
DEVNERIGRGTILRLFLKDDQLEYLEEKRIKEVIKRHSEFVAYPIQLVVTKEVE
;
_entity_poly.pdbx_strand_id   A
#
loop_
_chem_comp.id
_chem_comp.type
_chem_comp.name
_chem_comp.formula
L4V non-polymer 13-Chloro-14,16-dihydroxy-2-methyl-2,3,4,5,9,10-hexahydrobenz[c][1]azacyclotetradecine-1,11(8H,12H)-dione 'C18 H22 Cl N O4'
#
# COMPACT_ATOMS: atom_id res chain seq x y z
N MET A 1 3.85 12.09 -18.24
CA MET A 1 2.61 12.79 -18.57
C MET A 1 1.53 11.82 -19.12
N ALA A 2 1.86 11.03 -20.17
CA ALA A 2 0.93 10.06 -20.78
C ALA A 2 0.82 8.79 -19.93
N SER A 3 -0.43 8.42 -19.58
CA SER A 3 -0.73 7.23 -18.79
CA SER A 3 -0.72 7.23 -18.79
C SER A 3 -0.84 6.00 -19.69
N GLU A 4 -0.25 4.88 -19.27
CA GLU A 4 -0.33 3.60 -19.95
C GLU A 4 -1.38 2.76 -19.21
N THR A 5 -2.31 2.12 -19.94
CA THR A 5 -3.37 1.31 -19.32
C THR A 5 -3.02 -0.18 -19.47
N PHE A 6 -3.21 -0.94 -18.37
CA PHE A 6 -2.93 -2.37 -18.33
C PHE A 6 -4.12 -3.13 -17.78
N GLU A 7 -4.31 -4.36 -18.20
CA GLU A 7 -5.41 -5.17 -17.70
C GLU A 7 -4.98 -5.95 -16.47
N PHE A 8 -5.87 -6.12 -15.47
CA PHE A 8 -5.58 -6.95 -14.31
C PHE A 8 -5.74 -8.41 -14.68
N GLN A 9 -4.98 -9.31 -14.03
CA GLN A 9 -5.19 -10.75 -14.21
C GLN A 9 -6.60 -11.03 -13.62
N ALA A 10 -7.43 -11.81 -14.34
CA ALA A 10 -8.86 -12.09 -14.06
C ALA A 10 -9.19 -12.35 -12.57
N GLU A 11 -8.41 -13.22 -11.89
CA GLU A 11 -8.62 -13.57 -10.48
C GLU A 11 -8.38 -12.38 -9.51
N ILE A 12 -7.51 -11.40 -9.88
CA ILE A 12 -7.22 -10.23 -9.04
C ILE A 12 -8.43 -9.30 -9.05
N THR A 13 -9.07 -9.13 -10.22
CA THR A 13 -10.26 -8.28 -10.38
C THR A 13 -11.42 -8.82 -9.54
N GLN A 14 -11.60 -10.16 -9.50
CA GLN A 14 -12.62 -10.85 -8.68
C GLN A 14 -12.40 -10.53 -7.21
N LEU A 15 -11.14 -10.74 -6.73
CA LEU A 15 -10.70 -10.46 -5.36
C LEU A 15 -10.94 -9.00 -4.98
N MET A 16 -10.56 -8.05 -5.85
CA MET A 16 -10.79 -6.62 -5.58
C MET A 16 -12.27 -6.29 -5.51
N SER A 17 -13.10 -6.89 -6.40
CA SER A 17 -14.56 -6.65 -6.38
C SER A 17 -15.16 -7.19 -5.08
N LEU A 18 -14.75 -8.37 -4.65
CA LEU A 18 -15.13 -9.02 -3.40
C LEU A 18 -14.92 -8.02 -2.20
N ILE A 19 -13.65 -7.57 -2.00
CA ILE A 19 -13.20 -6.71 -0.91
C ILE A 19 -13.85 -5.31 -0.95
N ILE A 20 -14.06 -4.68 -2.13
CA ILE A 20 -14.64 -3.32 -2.14
C ILE A 20 -16.18 -3.35 -1.84
N ASN A 21 -16.72 -4.49 -1.96
CA ASN A 21 -18.18 -4.57 -1.80
C ASN A 21 -18.62 -5.18 -0.48
N THR A 22 -17.76 -5.90 0.23
CA THR A 22 -17.98 -6.56 1.53
C THR A 22 -18.53 -5.62 2.62
N VAL A 23 -19.39 -6.20 3.45
CA VAL A 23 -20.03 -5.58 4.61
C VAL A 23 -19.29 -6.01 5.89
N TYR A 24 -18.13 -6.72 5.74
CA TYR A 24 -17.24 -7.21 6.80
C TYR A 24 -16.95 -6.09 7.83
N SER A 25 -16.98 -6.43 9.12
CA SER A 25 -16.85 -5.48 10.21
C SER A 25 -15.40 -4.97 10.47
N ASN A 26 -14.44 -5.88 10.79
CA ASN A 26 -13.05 -5.59 11.17
C ASN A 26 -12.18 -5.02 10.00
N LYS A 27 -12.64 -3.91 9.38
CA LYS A 27 -11.99 -3.24 8.25
C LYS A 27 -10.55 -2.70 8.56
N GLU A 28 -10.25 -2.38 9.86
CA GLU A 28 -8.97 -1.84 10.35
C GLU A 28 -7.74 -2.72 10.07
N ILE A 29 -7.93 -3.99 9.64
CA ILE A 29 -6.82 -4.91 9.40
C ILE A 29 -5.97 -4.46 8.20
N PHE A 30 -6.53 -3.60 7.33
CA PHE A 30 -5.83 -3.04 6.16
C PHE A 30 -4.50 -2.37 6.56
N LEU A 31 -4.46 -1.72 7.73
CA LEU A 31 -3.28 -1.00 8.21
C LEU A 31 -2.19 -1.97 8.60
N ARG A 32 -2.56 -3.05 9.28
CA ARG A 32 -1.61 -4.11 9.64
C ARG A 32 -0.92 -4.66 8.39
N GLU A 33 -1.72 -4.89 7.33
CA GLU A 33 -1.28 -5.42 6.04
C GLU A 33 -0.31 -4.48 5.35
N LEU A 34 -0.64 -3.17 5.31
CA LEU A 34 0.20 -2.15 4.67
C LEU A 34 1.48 -1.87 5.49
N ILE A 35 1.45 -1.99 6.82
CA ILE A 35 2.64 -1.79 7.66
C ILE A 35 3.60 -2.99 7.46
N SER A 36 3.07 -4.25 7.39
CA SER A 36 3.87 -5.47 7.13
C SER A 36 4.59 -5.37 5.80
N ASN A 37 3.85 -4.94 4.73
CA ASN A 37 4.39 -4.75 3.38
C ASN A 37 5.49 -3.72 3.39
N ALA A 38 5.24 -2.60 4.09
CA ALA A 38 6.19 -1.52 4.27
C ALA A 38 7.44 -2.06 4.97
N SER A 39 7.25 -2.84 6.07
CA SER A 39 8.35 -3.46 6.83
C SER A 39 9.13 -4.47 5.95
N ASP A 40 8.44 -5.26 5.11
CA ASP A 40 9.13 -6.18 4.18
C ASP A 40 10.01 -5.41 3.18
N ALA A 41 9.52 -4.29 2.63
CA ALA A 41 10.27 -3.43 1.69
C ALA A 41 11.51 -2.88 2.35
N LEU A 42 11.37 -2.49 3.63
CA LEU A 42 12.48 -1.97 4.42
C LEU A 42 13.53 -3.07 4.69
N ASP A 43 13.07 -4.32 4.97
CA ASP A 43 13.97 -5.48 5.13
C ASP A 43 14.76 -5.71 3.85
N LYS A 44 14.07 -5.68 2.68
CA LYS A 44 14.70 -5.92 1.36
C LYS A 44 15.77 -4.91 1.05
N ILE A 45 15.57 -3.60 1.32
CA ILE A 45 16.62 -2.60 1.05
C ILE A 45 17.79 -2.76 2.05
N ARG A 46 17.49 -3.15 3.29
CA ARG A 46 18.49 -3.34 4.34
C ARG A 46 19.33 -4.58 4.02
N TYR A 47 18.67 -5.71 3.64
CA TYR A 47 19.36 -6.94 3.27
C TYR A 47 20.23 -6.73 2.05
N LYS A 48 19.70 -6.03 1.02
CA LYS A 48 20.43 -5.70 -0.21
C LYS A 48 21.66 -4.83 0.10
N SER A 49 21.52 -3.88 1.04
CA SER A 49 22.61 -2.95 1.39
C SER A 49 23.80 -3.63 2.11
N LEU A 50 23.64 -4.88 2.59
CA LEU A 50 24.71 -5.62 3.26
C LEU A 50 25.90 -5.83 2.31
N SER A 51 25.61 -6.14 1.02
CA SER A 51 26.62 -6.35 -0.02
C SER A 51 26.69 -5.18 -1.01
N ASP A 52 25.83 -4.18 -0.84
CA ASP A 52 25.74 -3.00 -1.70
C ASP A 52 25.39 -1.77 -0.82
N PRO A 53 26.34 -1.28 0.02
CA PRO A 53 26.04 -0.14 0.92
C PRO A 53 25.47 1.11 0.26
N LYS A 54 25.91 1.44 -0.98
CA LYS A 54 25.50 2.62 -1.77
C LYS A 54 23.98 2.68 -2.08
N GLN A 55 23.27 1.55 -1.91
CA GLN A 55 21.84 1.45 -2.14
C GLN A 55 21.07 2.34 -1.16
N LEU A 56 21.57 2.49 0.09
CA LEU A 56 20.92 3.30 1.11
C LEU A 56 21.15 4.80 0.94
N GLU A 57 22.13 5.23 0.15
CA GLU A 57 22.45 6.66 0.04
C GLU A 57 21.34 7.54 -0.61
N THR A 58 20.41 6.96 -1.41
CA THR A 58 19.29 7.73 -2.00
C THR A 58 18.26 8.16 -0.93
N GLU A 59 18.23 7.46 0.21
CA GLU A 59 17.38 7.72 1.38
C GLU A 59 17.98 6.96 2.57
N PRO A 60 18.93 7.59 3.29
CA PRO A 60 19.58 6.89 4.42
C PRO A 60 18.67 6.47 5.57
N ASP A 61 17.57 7.22 5.84
CA ASP A 61 16.69 6.88 6.96
C ASP A 61 15.65 5.84 6.58
N LEU A 62 15.56 4.79 7.41
CA LEU A 62 14.63 3.67 7.28
C LEU A 62 13.46 3.90 8.22
N PHE A 63 12.27 4.16 7.63
CA PHE A 63 11.06 4.50 8.39
C PHE A 63 9.80 4.10 7.65
N ILE A 64 8.67 4.11 8.39
CA ILE A 64 7.28 3.97 7.97
C ILE A 64 6.62 5.29 8.43
N ARG A 65 5.89 5.98 7.56
CA ARG A 65 5.32 7.29 7.91
C ARG A 65 3.87 7.35 7.45
N ILE A 66 2.94 7.62 8.39
CA ILE A 66 1.51 7.68 8.09
C ILE A 66 1.05 9.16 8.12
N THR A 67 0.50 9.64 6.97
CA THR A 67 0.05 11.02 6.79
C THR A 67 -1.41 11.11 6.39
N PRO A 68 -2.30 11.40 7.37
CA PRO A 68 -3.70 11.69 7.00
C PRO A 68 -3.76 13.05 6.32
N LYS A 69 -4.54 13.16 5.23
CA LYS A 69 -4.78 14.40 4.50
C LYS A 69 -6.32 14.61 4.53
N PRO A 70 -6.88 15.01 5.71
CA PRO A 70 -8.36 15.11 5.86
C PRO A 70 -9.12 15.87 4.78
N GLU A 71 -8.57 16.99 4.30
CA GLU A 71 -9.10 17.90 3.27
C GLU A 71 -9.36 17.19 1.93
N GLN A 72 -8.49 16.23 1.59
CA GLN A 72 -8.56 15.46 0.36
C GLN A 72 -9.22 14.09 0.59
N LYS A 73 -9.50 13.72 1.86
CA LYS A 73 -10.03 12.42 2.31
C LYS A 73 -9.00 11.33 1.93
N VAL A 74 -7.71 11.61 2.21
CA VAL A 74 -6.60 10.74 1.83
C VAL A 74 -5.79 10.34 3.04
N LEU A 75 -5.36 9.08 3.05
CA LEU A 75 -4.44 8.53 4.02
C LEU A 75 -3.22 7.99 3.26
N GLU A 76 -2.03 8.47 3.58
CA GLU A 76 -0.82 8.00 2.91
C GLU A 76 0.03 7.18 3.85
N ILE A 77 0.55 6.08 3.31
CA ILE A 77 1.46 5.21 4.03
C ILE A 77 2.74 5.14 3.19
N ARG A 78 3.79 5.80 3.71
CA ARG A 78 5.11 5.84 3.13
C ARG A 78 6.09 4.94 3.88
N ASP A 79 7.02 4.35 3.12
CA ASP A 79 8.18 3.63 3.61
C ASP A 79 9.38 4.02 2.76
N SER A 80 10.57 3.97 3.35
CA SER A 80 11.78 4.22 2.56
C SER A 80 12.45 2.85 2.17
N GLY A 81 11.63 1.89 1.77
CA GLY A 81 12.05 0.55 1.38
C GLY A 81 12.69 0.47 0.01
N ILE A 82 12.75 -0.75 -0.54
CA ILE A 82 13.38 -1.06 -1.83
C ILE A 82 12.70 -0.30 -3.00
N GLY A 83 11.38 -0.12 -2.95
CA GLY A 83 10.63 0.54 -4.02
C GLY A 83 10.42 -0.37 -5.20
N MET A 84 9.72 0.12 -6.23
CA MET A 84 9.45 -0.68 -7.43
C MET A 84 9.70 0.12 -8.68
N THR A 85 10.21 -0.55 -9.70
CA THR A 85 10.42 0.00 -11.04
C THR A 85 9.09 0.01 -11.74
N LYS A 86 9.01 0.60 -12.93
CA LYS A 86 7.79 0.58 -13.72
C LYS A 86 7.36 -0.89 -13.96
N ALA A 87 8.32 -1.76 -14.37
CA ALA A 87 8.10 -3.18 -14.66
C ALA A 87 7.65 -3.96 -13.43
N GLU A 88 8.20 -3.64 -12.22
CA GLU A 88 7.80 -4.26 -10.96
C GLU A 88 6.38 -3.82 -10.54
N LEU A 89 5.98 -2.55 -10.78
CA LEU A 89 4.59 -2.15 -10.46
C LEU A 89 3.60 -2.89 -11.36
N ILE A 90 3.94 -3.06 -12.65
CA ILE A 90 3.06 -3.74 -13.62
C ILE A 90 2.94 -5.24 -13.27
N ASN A 91 4.05 -5.91 -13.01
CA ASN A 91 4.03 -7.35 -12.72
C ASN A 91 3.45 -7.67 -11.34
N ASN A 92 3.97 -7.03 -10.29
CA ASN A 92 3.59 -7.32 -8.90
C ASN A 92 2.24 -6.83 -8.48
N LEU A 93 1.71 -5.78 -9.10
CA LEU A 93 0.43 -5.28 -8.60
C LEU A 93 -0.78 -5.64 -9.48
N GLY A 94 -0.57 -6.26 -10.63
CA GLY A 94 -1.74 -6.61 -11.42
C GLY A 94 -1.69 -7.66 -12.51
N THR A 95 -0.67 -7.63 -13.38
CA THR A 95 -0.63 -8.51 -14.56
C THR A 95 -0.24 -9.97 -14.25
N ILE A 96 0.70 -10.20 -13.33
CA ILE A 96 1.10 -11.57 -13.04
C ILE A 96 0.16 -12.14 -11.97
N ALA A 97 -0.27 -13.40 -12.24
CA ALA A 97 -1.12 -14.25 -11.40
C ALA A 97 -0.41 -14.49 -10.06
N LYS A 98 -0.98 -13.93 -8.99
CA LYS A 98 -0.41 -14.06 -7.66
C LYS A 98 -0.82 -15.40 -7.07
N SER A 99 0.16 -16.12 -6.50
CA SER A 99 -0.12 -17.41 -5.87
C SER A 99 -0.81 -17.15 -4.53
N GLY A 100 -2.05 -17.63 -4.43
CA GLY A 100 -2.87 -17.43 -3.24
C GLY A 100 -4.17 -16.69 -3.46
N THR A 101 -4.26 -15.85 -4.52
CA THR A 101 -5.47 -15.05 -4.86
C THR A 101 -6.76 -15.89 -4.91
N LYS A 102 -6.79 -16.92 -5.80
CA LYS A 102 -7.98 -17.75 -6.01
C LYS A 102 -8.25 -18.61 -4.78
N ALA A 103 -7.17 -19.08 -4.12
CA ALA A 103 -7.24 -19.89 -2.91
C ALA A 103 -7.76 -19.10 -1.71
N PHE A 104 -7.47 -17.77 -1.66
CA PHE A 104 -7.96 -16.90 -0.58
C PHE A 104 -9.46 -16.70 -0.77
N MET A 105 -9.88 -16.55 -2.03
CA MET A 105 -11.28 -16.40 -2.38
C MET A 105 -12.04 -17.68 -2.05
N GLU A 106 -11.37 -18.84 -2.18
CA GLU A 106 -11.91 -20.15 -1.86
C GLU A 106 -12.01 -20.31 -0.35
N ALA A 107 -10.98 -19.87 0.40
CA ALA A 107 -11.02 -19.91 1.85
C ALA A 107 -12.16 -18.99 2.38
N LEU A 108 -12.34 -17.78 1.76
CA LEU A 108 -13.39 -16.80 2.10
C LEU A 108 -14.79 -17.37 1.88
N SER A 109 -15.02 -18.06 0.75
CA SER A 109 -16.30 -18.72 0.45
C SER A 109 -16.62 -19.79 1.51
N ALA A 110 -15.59 -20.53 1.96
CA ALA A 110 -15.69 -21.60 2.97
C ALA A 110 -15.89 -21.06 4.40
N GLY A 111 -15.66 -19.76 4.61
CA GLY A 111 -15.86 -19.13 5.91
C GLY A 111 -14.69 -18.41 6.56
N ALA A 112 -13.52 -18.37 5.91
CA ALA A 112 -12.35 -17.72 6.52
C ALA A 112 -12.54 -16.24 6.79
N ASP A 113 -11.83 -15.77 7.82
CA ASP A 113 -11.79 -14.39 8.22
C ASP A 113 -10.97 -13.62 7.18
N VAL A 114 -11.49 -12.47 6.68
CA VAL A 114 -10.76 -11.61 5.73
C VAL A 114 -9.35 -11.31 6.30
N SER A 115 -9.22 -11.27 7.64
CA SER A 115 -7.95 -11.06 8.36
C SER A 115 -6.84 -12.03 7.92
N MET A 116 -7.18 -13.18 7.33
CA MET A 116 -6.21 -14.18 6.86
C MET A 116 -5.49 -13.78 5.54
N ILE A 117 -6.01 -12.73 4.84
CA ILE A 117 -5.56 -12.21 3.53
C ILE A 117 -4.02 -12.21 3.38
N GLY A 118 -3.32 -11.75 4.43
CA GLY A 118 -1.86 -11.66 4.47
C GLY A 118 -1.14 -13.00 4.48
N GLN A 119 -1.84 -14.08 4.86
CA GLN A 119 -1.21 -15.40 4.90
C GLN A 119 -1.25 -16.04 3.53
N PHE A 120 -2.05 -15.44 2.62
CA PHE A 120 -2.21 -15.87 1.24
C PHE A 120 -1.33 -15.05 0.28
N GLY A 121 -0.62 -14.08 0.84
CA GLY A 121 0.30 -13.21 0.12
C GLY A 121 -0.36 -12.12 -0.71
N VAL A 122 -1.64 -11.83 -0.44
CA VAL A 122 -2.34 -10.79 -1.21
C VAL A 122 -2.94 -9.68 -0.32
N GLY A 123 -2.31 -9.43 0.82
CA GLY A 123 -2.73 -8.44 1.82
C GLY A 123 -2.83 -7.01 1.33
N PHE A 124 -2.06 -6.66 0.28
CA PHE A 124 -2.10 -5.34 -0.35
C PHE A 124 -3.53 -4.95 -0.72
N TYR A 125 -4.30 -5.89 -1.29
CA TYR A 125 -5.67 -5.67 -1.78
C TYR A 125 -6.69 -5.42 -0.64
N SER A 126 -6.30 -5.63 0.64
CA SER A 126 -7.14 -5.31 1.80
C SER A 126 -7.40 -3.81 1.90
N LEU A 127 -6.61 -2.95 1.19
CA LEU A 127 -6.82 -1.49 1.23
C LEU A 127 -8.22 -1.12 0.70
N PHE A 128 -8.82 -1.97 -0.18
CA PHE A 128 -10.13 -1.72 -0.78
C PHE A 128 -11.29 -1.88 0.23
N LEU A 129 -10.98 -2.37 1.45
CA LEU A 129 -11.90 -2.40 2.57
C LEU A 129 -12.27 -1.00 2.99
N VAL A 130 -11.31 -0.01 2.91
CA VAL A 130 -11.54 1.36 3.37
C VAL A 130 -11.45 2.42 2.27
N ALA A 131 -10.85 2.06 1.12
CA ALA A 131 -10.62 2.99 0.01
C ALA A 131 -11.30 2.52 -1.30
N ASP A 132 -11.76 3.46 -2.13
CA ASP A 132 -12.37 3.06 -3.40
C ASP A 132 -11.42 3.40 -4.57
N ARG A 133 -10.24 3.95 -4.23
CA ARG A 133 -9.20 4.37 -5.18
C ARG A 133 -7.85 4.37 -4.50
N VAL A 134 -6.79 4.04 -5.23
CA VAL A 134 -5.43 4.00 -4.69
C VAL A 134 -4.43 4.41 -5.73
N GLN A 135 -3.43 5.17 -5.28
CA GLN A 135 -2.27 5.52 -6.09
C GLN A 135 -1.05 4.92 -5.39
N VAL A 136 -0.28 4.10 -6.09
CA VAL A 136 0.96 3.57 -5.54
C VAL A 136 2.05 4.37 -6.20
N ILE A 137 2.72 5.21 -5.41
CA ILE A 137 3.80 6.07 -5.89
C ILE A 137 5.10 5.43 -5.44
N SER A 138 5.97 5.11 -6.39
CA SER A 138 7.15 4.37 -6.02
C SER A 138 8.40 4.82 -6.78
N LYS A 139 9.51 4.82 -6.04
CA LYS A 139 10.83 5.16 -6.54
C LYS A 139 11.83 4.09 -6.12
N SER A 140 12.30 3.35 -7.12
CA SER A 140 13.36 2.36 -6.96
C SER A 140 14.66 3.02 -7.37
N ASN A 141 15.79 2.60 -6.81
CA ASN A 141 17.11 3.10 -7.20
C ASN A 141 17.39 2.81 -8.68
N ASP A 142 16.73 1.79 -9.25
CA ASP A 142 16.88 1.32 -10.63
C ASP A 142 15.94 2.00 -11.65
N ASP A 143 15.00 2.87 -11.20
CA ASP A 143 14.11 3.50 -12.17
C ASP A 143 13.70 4.90 -11.70
N GLU A 144 12.91 5.57 -12.53
CA GLU A 144 12.32 6.88 -12.25
C GLU A 144 11.11 6.69 -11.34
N GLN A 145 10.55 7.78 -10.78
CA GLN A 145 9.34 7.73 -9.97
C GLN A 145 8.15 7.48 -10.88
N TYR A 146 7.27 6.54 -10.51
CA TYR A 146 6.07 6.17 -11.26
C TYR A 146 4.83 6.09 -10.36
N ILE A 147 3.66 6.26 -10.97
CA ILE A 147 2.37 6.19 -10.27
C ILE A 147 1.57 5.08 -10.87
N TRP A 148 1.20 4.11 -10.02
CA TRP A 148 0.32 3.02 -10.39
C TRP A 148 -1.04 3.42 -9.80
N GLU A 149 -2.14 3.35 -10.57
CA GLU A 149 -3.44 3.75 -10.03
C GLU A 149 -4.51 2.75 -10.39
N SER A 150 -5.41 2.50 -9.41
CA SER A 150 -6.53 1.61 -9.54
C SER A 150 -7.72 2.05 -8.71
N ASN A 151 -8.94 1.79 -9.23
CA ASN A 151 -10.22 2.01 -8.54
C ASN A 151 -11.02 0.68 -8.46
N ALA A 152 -10.32 -0.47 -8.28
CA ALA A 152 -10.86 -1.83 -8.15
C ALA A 152 -11.52 -2.41 -9.44
N GLY A 153 -11.41 -1.69 -10.56
CA GLY A 153 -11.92 -2.15 -11.84
C GLY A 153 -11.00 -3.17 -12.49
N GLY A 154 -11.27 -3.49 -13.75
CA GLY A 154 -10.50 -4.46 -14.50
C GLY A 154 -9.17 -3.98 -15.02
N SER A 155 -8.96 -2.66 -15.06
CA SER A 155 -7.70 -2.12 -15.56
C SER A 155 -7.08 -1.12 -14.60
N PHE A 156 -5.75 -0.98 -14.68
CA PHE A 156 -4.99 0.00 -13.89
C PHE A 156 -4.15 0.84 -14.84
N THR A 157 -3.68 1.99 -14.36
CA THR A 157 -2.80 2.84 -15.14
C THR A 157 -1.44 2.94 -14.46
N VAL A 158 -0.40 3.21 -15.25
CA VAL A 158 0.97 3.46 -14.80
C VAL A 158 1.40 4.71 -15.53
N THR A 159 1.89 5.71 -14.78
CA THR A 159 2.29 7.00 -15.35
C THR A 159 3.61 7.47 -14.78
N LEU A 160 4.48 8.04 -15.60
CA LEU A 160 5.73 8.66 -15.12
C LEU A 160 5.34 9.84 -14.19
N ASP A 161 5.93 9.91 -13.00
CA ASP A 161 5.54 10.89 -11.99
C ASP A 161 6.24 12.23 -12.15
N GLU A 162 5.44 13.22 -12.52
CA GLU A 162 5.85 14.61 -12.69
C GLU A 162 4.95 15.54 -11.84
N VAL A 163 4.11 14.94 -10.95
CA VAL A 163 3.13 15.71 -10.16
C VAL A 163 3.32 15.58 -8.62
N ASN A 164 3.99 14.54 -8.12
CA ASN A 164 4.12 14.35 -6.66
C ASN A 164 5.49 14.71 -6.13
N GLU A 165 5.59 14.84 -4.79
CA GLU A 165 6.86 15.10 -4.13
C GLU A 165 7.87 14.01 -4.49
N ARG A 166 9.15 14.37 -4.55
CA ARG A 166 10.17 13.36 -4.85
C ARG A 166 10.38 12.46 -3.66
N ILE A 167 10.23 11.18 -3.90
CA ILE A 167 10.61 10.12 -2.98
C ILE A 167 12.08 9.93 -3.30
N GLY A 168 12.93 9.86 -2.28
CA GLY A 168 14.34 9.58 -2.49
C GLY A 168 14.43 8.14 -2.95
N ARG A 169 13.71 7.27 -2.24
CA ARG A 169 13.61 5.83 -2.48
C ARG A 169 12.45 5.29 -1.62
N GLY A 170 11.63 4.40 -2.19
CA GLY A 170 10.53 3.81 -1.47
C GLY A 170 9.20 3.89 -2.18
N THR A 171 8.13 3.75 -1.42
CA THR A 171 6.76 3.68 -1.90
C THR A 171 5.84 4.48 -0.99
N ILE A 172 4.83 5.10 -1.63
CA ILE A 172 3.75 5.80 -0.97
C ILE A 172 2.46 5.11 -1.42
N LEU A 173 1.66 4.71 -0.46
CA LEU A 173 0.35 4.17 -0.74
C LEU A 173 -0.61 5.28 -0.43
N ARG A 174 -1.21 5.86 -1.49
CA ARG A 174 -2.12 6.99 -1.30
C ARG A 174 -3.56 6.47 -1.38
N LEU A 175 -4.24 6.32 -0.22
CA LEU A 175 -5.62 5.80 -0.16
C LEU A 175 -6.63 6.92 -0.18
N PHE A 176 -7.58 6.85 -1.12
CA PHE A 176 -8.72 7.79 -1.24
C PHE A 176 -9.85 7.10 -0.50
N LEU A 177 -9.97 7.41 0.79
CA LEU A 177 -10.92 6.77 1.70
C LEU A 177 -12.39 6.91 1.30
N LYS A 178 -13.19 5.89 1.63
CA LYS A 178 -14.65 5.88 1.44
C LYS A 178 -15.28 6.87 2.41
N ASP A 179 -16.43 7.48 2.08
CA ASP A 179 -17.13 8.46 2.94
C ASP A 179 -17.46 7.92 4.36
N ASP A 180 -17.66 6.61 4.50
CA ASP A 180 -17.99 5.97 5.78
C ASP A 180 -16.73 5.55 6.58
N GLN A 181 -15.52 5.66 5.97
CA GLN A 181 -14.28 5.23 6.64
C GLN A 181 -13.32 6.39 6.98
N LEU A 182 -13.83 7.63 7.09
CA LEU A 182 -13.03 8.84 7.36
C LEU A 182 -12.46 8.90 8.80
N GLU A 183 -12.73 7.87 9.61
CA GLU A 183 -12.24 7.76 10.99
C GLU A 183 -10.72 7.46 10.98
N TYR A 184 -10.22 6.82 9.91
CA TYR A 184 -8.81 6.47 9.78
C TYR A 184 -7.95 7.71 9.41
N LEU A 185 -8.56 8.92 9.47
CA LEU A 185 -7.88 10.19 9.29
C LEU A 185 -7.51 10.76 10.67
N GLU A 186 -8.08 10.17 11.76
CA GLU A 186 -7.91 10.61 13.14
C GLU A 186 -6.73 9.95 13.83
N GLU A 187 -5.88 10.78 14.47
CA GLU A 187 -4.66 10.37 15.19
C GLU A 187 -4.93 9.29 16.24
N LYS A 188 -5.92 9.51 17.12
CA LYS A 188 -6.29 8.54 18.17
C LYS A 188 -6.66 7.18 17.56
N ARG A 189 -7.50 7.17 16.50
CA ARG A 189 -7.91 5.97 15.77
C ARG A 189 -6.67 5.27 15.15
N ILE A 190 -5.86 6.02 14.37
CA ILE A 190 -4.63 5.49 13.72
C ILE A 190 -3.70 4.86 14.77
N LYS A 191 -3.37 5.60 15.87
CA LYS A 191 -2.52 5.13 16.98
C LYS A 191 -3.06 3.84 17.64
N GLU A 192 -4.40 3.77 17.82
CA GLU A 192 -5.08 2.61 18.39
C GLU A 192 -4.89 1.37 17.49
N VAL A 193 -5.12 1.52 16.17
CA VAL A 193 -4.98 0.43 15.18
C VAL A 193 -3.52 -0.05 15.13
N ILE A 194 -2.53 0.87 15.17
CA ILE A 194 -1.11 0.51 15.13
C ILE A 194 -0.72 -0.28 16.36
N LYS A 195 -1.06 0.22 17.58
CA LYS A 195 -0.70 -0.45 18.84
C LYS A 195 -1.31 -1.87 18.96
N ARG A 196 -2.54 -2.06 18.45
CA ARG A 196 -3.25 -3.34 18.51
C ARG A 196 -2.69 -4.41 17.57
N HIS A 197 -2.29 -4.04 16.33
CA HIS A 197 -1.87 -5.08 15.36
C HIS A 197 -0.42 -5.00 14.88
N SER A 198 0.34 -3.93 15.21
CA SER A 198 1.73 -3.80 14.72
C SER A 198 2.73 -3.50 15.87
N GLU A 199 2.74 -4.36 16.91
CA GLU A 199 3.65 -4.23 18.06
C GLU A 199 5.11 -4.59 17.71
N PHE A 200 5.31 -5.63 16.87
CA PHE A 200 6.66 -6.09 16.58
C PHE A 200 7.12 -5.68 15.18
N VAL A 201 7.48 -4.39 15.06
CA VAL A 201 7.98 -3.74 13.85
C VAL A 201 9.36 -3.20 14.20
N ALA A 202 10.37 -3.57 13.41
CA ALA A 202 11.77 -3.20 13.59
C ALA A 202 12.08 -1.77 13.14
N TYR A 203 11.10 -1.08 12.54
CA TYR A 203 11.36 0.26 12.00
C TYR A 203 10.50 1.28 12.68
N PRO A 204 10.98 2.53 12.85
CA PRO A 204 10.11 3.56 13.45
C PRO A 204 8.87 3.82 12.60
N ILE A 205 7.69 3.86 13.26
CA ILE A 205 6.43 4.21 12.62
C ILE A 205 6.12 5.68 12.97
N GLN A 206 6.14 6.57 11.99
CA GLN A 206 5.90 7.98 12.26
C GLN A 206 4.47 8.41 11.85
N LEU A 207 3.86 9.28 12.67
CA LEU A 207 2.54 9.82 12.39
C LEU A 207 2.69 11.31 12.20
N VAL A 208 2.22 11.80 11.04
CA VAL A 208 2.31 13.22 10.70
C VAL A 208 0.99 13.87 11.08
N VAL A 209 1.02 14.75 12.07
CA VAL A 209 -0.19 15.42 12.56
C VAL A 209 -0.10 16.94 12.26
N THR A 210 -1.20 17.50 11.76
CA THR A 210 -1.32 18.92 11.48
C THR A 210 -2.15 19.54 12.59
N LYS A 211 -1.62 20.59 13.21
CA LYS A 211 -2.33 21.22 14.30
C LYS A 211 -2.30 22.74 14.17
N GLU A 212 -3.44 23.39 14.43
CA GLU A 212 -3.57 24.85 14.40
C GLU A 212 -2.89 25.40 15.62
N VAL A 213 -2.03 26.41 15.45
CA VAL A 213 -1.31 27.05 16.55
C VAL A 213 -2.29 28.03 17.25
N GLU A 214 -2.40 27.91 18.61
CA GLU A 214 -3.27 28.69 19.52
C GLU A 214 -4.74 28.64 19.09
C1 L4V B . 7.23 -2.43 -2.01
C2 L4V B . 5.92 -2.11 -1.33
C3 L4V B . 5.87 -1.25 -0.20
C4 L4V B . 4.68 -0.99 0.47
C5 L4V B . 3.51 -1.57 0.02
C6 L4V B . 3.54 -2.39 -1.09
C7 L4V B . 4.70 -2.69 -1.78
C8 L4V B . 4.63 -3.66 -2.93
C9 L4V B . 4.35 -5.09 -2.53
C10 L4V B . 3.72 -6.04 -3.52
C11 L4V B . 4.69 -6.80 -4.40
C12 L4V B . 5.47 -7.90 -3.66
C13 L4V B . 6.71 -8.27 -4.43
C14 L4V B . 7.93 -7.75 -4.32
C15 L4V B . 8.39 -6.65 -3.38
C16 L4V B . 8.05 -5.22 -3.79
C18 L4V B . 7.55 -4.47 -0.67
O2 L4V B . 7.77 -1.53 -2.64
O3 L4V B . 6.99 -0.60 0.21
O4 L4V B . 2.36 -1.37 0.70
CL1 L4V B . 2.02 -3.02 -1.59
C17 L4V B . 8.70 -4.20 -2.86
O5 L4V B . 4.61 -5.47 -1.40
N L4V B . 7.79 -3.64 -1.85
#